data_4F12
#
_entry.id   4F12
#
_cell.length_a   82.684
_cell.length_b   142.515
_cell.length_c   79.264
_cell.angle_alpha   90.000
_cell.angle_beta   90.000
_cell.angle_gamma   90.000
#
_symmetry.space_group_name_H-M   'C 2 2 21'
#
loop_
_entity.id
_entity.type
_entity.pdbx_description
1 polymer 'Gamma-aminobutyric acid type B receptor subunit 2'
2 branched 2-acetamido-2-deoxy-beta-D-glucopyranose-(1-4)-[alpha-L-fucopyranose-(1-6)]2-acetamido-2-deoxy-beta-D-glucopyranose
3 non-polymer 2-acetamido-2-deoxy-beta-D-glucopyranose
4 water water
#
_entity_poly.entity_id   1
_entity_poly.type   'polypeptide(L)'
_entity_poly.pdbx_seq_one_letter_code
;WARGAPRPPPSSPPLSIMGLMPLTKEVAKGSIGRGVLPAVELAIEQIRNESLLRPYFLDLRLYDTECDNAKGLKAFYDAI
KYGPNHLMVFGGVCPSVTSIIAESLQGWNLVQLSFAATTPVLADKKKYPYFFRTVPSDNAVNPAILKLLKHYQWKRVGTL
TQDVQRFSEVRNDLTGVLYGEDIEISDTESFSNDPCTSVKKLKGNDVRIILGQFDQNMAAKVFCCAYEENMYGSKYQWII
PGWYEPSWWEQVHTEANSSRCLRKNLLAAMEGYIGVDFEPLSSKQIKTISGKTPQQYEREYNNKRSGVGPSKFHGYAYDG
IWVIAKTLQRAMETLHASSRHQRIQDFNYTDHTLGRIILNAMNETNFFGVTGQVVFRNGERMGTIKFTQFQDSREVKVGE
YNAVADTLEIINDTIRFQGSEPPKDDYKDDDDK
;
_entity_poly.pdbx_strand_id   A
#
# COMPACT_ATOMS: atom_id res chain seq x y z
N PRO A 8 -14.05 11.18 -28.29
CA PRO A 8 -13.51 12.54 -28.50
C PRO A 8 -12.31 12.66 -29.45
N PRO A 9 -11.35 11.70 -29.51
CA PRO A 9 -10.13 11.88 -30.33
C PRO A 9 -10.14 11.14 -31.69
N PRO A 10 -10.64 11.73 -32.82
CA PRO A 10 -10.72 10.98 -34.08
C PRO A 10 -9.49 10.47 -34.86
N SER A 11 -8.45 11.27 -35.09
CA SER A 11 -7.30 10.81 -35.89
C SER A 11 -6.15 10.30 -35.08
N SER A 12 -6.32 10.26 -33.76
CA SER A 12 -5.28 9.90 -32.83
C SER A 12 -5.12 8.41 -32.50
N PRO A 13 -3.88 7.87 -32.63
CA PRO A 13 -3.66 6.46 -32.26
C PRO A 13 -3.73 6.23 -30.76
N PRO A 14 -4.18 5.04 -30.33
CA PRO A 14 -4.32 4.79 -28.88
C PRO A 14 -3.08 4.21 -28.22
N LEU A 15 -2.84 4.62 -26.97
CA LEU A 15 -1.77 4.06 -26.16
C LEU A 15 -2.50 3.15 -25.18
N SER A 16 -2.61 1.85 -25.52
CA SER A 16 -3.37 0.87 -24.74
C SER A 16 -2.66 0.32 -23.53
N ILE A 17 -3.40 0.27 -22.42
CA ILE A 17 -2.91 -0.25 -21.15
C ILE A 17 -3.85 -1.35 -20.71
N MET A 18 -3.29 -2.44 -20.19
CA MET A 18 -4.05 -3.56 -19.70
C MET A 18 -4.37 -3.45 -18.19
N GLY A 19 -5.60 -3.02 -17.91
CA GLY A 19 -6.08 -2.87 -16.54
C GLY A 19 -6.55 -4.18 -15.98
N LEU A 20 -5.81 -4.71 -14.99
CA LEU A 20 -6.13 -5.97 -14.33
C LEU A 20 -6.56 -5.79 -12.88
N MET A 21 -7.80 -6.18 -12.53
CA MET A 21 -8.28 -6.08 -11.15
C MET A 21 -9.61 -6.80 -10.95
N PRO A 22 -9.96 -7.16 -9.68
CA PRO A 22 -11.30 -7.73 -9.44
C PRO A 22 -12.35 -6.63 -9.53
N LEU A 23 -13.35 -6.82 -10.40
CA LEU A 23 -14.41 -5.83 -10.63
C LEU A 23 -15.77 -6.38 -10.29
N THR A 24 -15.92 -7.71 -10.35
CA THR A 24 -17.16 -8.43 -10.09
C THR A 24 -17.66 -8.27 -8.64
N LYS A 25 -18.99 -8.04 -8.47
CA LYS A 25 -19.63 -7.90 -7.16
C LYS A 25 -19.72 -9.26 -6.43
N GLU A 26 -19.48 -10.37 -7.17
CA GLU A 26 -19.44 -11.74 -6.66
C GLU A 26 -18.14 -12.04 -5.86
N VAL A 27 -17.20 -11.08 -5.77
CA VAL A 27 -15.92 -11.22 -5.06
C VAL A 27 -15.72 -10.06 -4.06
N ALA A 28 -15.38 -10.43 -2.80
CA ALA A 28 -15.18 -9.49 -1.69
C ALA A 28 -14.26 -8.32 -2.07
N LYS A 29 -13.08 -8.62 -2.65
CA LYS A 29 -12.07 -7.65 -3.06
C LYS A 29 -12.37 -6.81 -4.32
N GLY A 30 -13.50 -7.09 -4.98
CA GLY A 30 -13.96 -6.32 -6.13
C GLY A 30 -14.34 -4.88 -5.77
N SER A 31 -14.56 -4.61 -4.46
CA SER A 31 -14.86 -3.30 -3.90
C SER A 31 -13.66 -2.34 -4.06
N ILE A 32 -12.41 -2.85 -3.98
CA ILE A 32 -11.20 -2.04 -4.21
C ILE A 32 -11.21 -1.55 -5.66
N GLY A 33 -11.46 -2.48 -6.60
CA GLY A 33 -11.49 -2.18 -8.04
C GLY A 33 -12.51 -1.12 -8.36
N ARG A 34 -13.73 -1.33 -7.86
CA ARG A 34 -14.85 -0.43 -8.06
C ARG A 34 -14.63 0.92 -7.37
N GLY A 35 -14.06 0.89 -6.16
CA GLY A 35 -13.78 2.08 -5.35
C GLY A 35 -12.70 2.94 -5.95
N VAL A 36 -11.75 2.33 -6.64
CA VAL A 36 -10.68 3.08 -7.26
C VAL A 36 -11.04 3.56 -8.64
N LEU A 37 -12.12 3.03 -9.25
CA LEU A 37 -12.51 3.43 -10.59
C LEU A 37 -12.83 4.93 -10.80
N PRO A 38 -13.51 5.63 -9.84
CA PRO A 38 -13.74 7.08 -10.00
C PRO A 38 -12.44 7.91 -10.00
N ALA A 39 -11.46 7.52 -9.15
CA ALA A 39 -10.14 8.14 -9.10
C ALA A 39 -9.42 8.01 -10.46
N VAL A 40 -9.48 6.79 -11.06
CA VAL A 40 -8.89 6.43 -12.36
C VAL A 40 -9.53 7.26 -13.47
N GLU A 41 -10.87 7.39 -13.47
CA GLU A 41 -11.63 8.17 -14.45
C GLU A 41 -11.34 9.67 -14.35
N LEU A 42 -11.15 10.21 -13.13
CA LEU A 42 -10.76 11.60 -12.90
C LEU A 42 -9.39 11.89 -13.55
N ALA A 43 -8.35 11.05 -13.31
CA ALA A 43 -7.02 11.24 -13.92
C ALA A 43 -7.09 11.14 -15.47
N ILE A 44 -7.85 10.15 -15.99
CA ILE A 44 -8.07 9.91 -17.42
C ILE A 44 -8.89 11.01 -18.11
N GLU A 45 -9.92 11.60 -17.44
CA GLU A 45 -10.70 12.70 -17.99
C GLU A 45 -9.84 13.95 -18.19
N GLN A 46 -8.96 14.28 -17.22
CA GLN A 46 -8.04 15.42 -17.30
C GLN A 46 -6.96 15.22 -18.40
N ILE A 47 -6.39 14.01 -18.46
CA ILE A 47 -5.40 13.65 -19.49
C ILE A 47 -6.02 13.79 -20.90
N ARG A 48 -7.31 13.43 -21.06
CA ARG A 48 -8.02 13.57 -22.32
C ARG A 48 -8.43 15.03 -22.67
N ASN A 49 -9.03 15.77 -21.70
CA ASN A 49 -9.46 17.17 -21.81
C ASN A 49 -8.32 18.08 -22.29
N GLU A 50 -7.13 17.97 -21.66
CA GLU A 50 -5.92 18.78 -21.95
C GLU A 50 -5.01 18.16 -23.01
N SER A 51 -5.39 16.97 -23.52
CA SER A 51 -4.70 16.16 -24.54
C SER A 51 -3.21 16.09 -24.21
N LEU A 52 -2.88 15.56 -23.03
CA LEU A 52 -1.48 15.49 -22.60
C LEU A 52 -0.61 14.49 -23.36
N LEU A 53 -1.23 13.53 -24.05
CA LEU A 53 -0.47 12.55 -24.82
C LEU A 53 -0.53 12.82 -26.32
N ARG A 54 -0.80 14.08 -26.71
CA ARG A 54 -0.84 14.49 -28.12
C ARG A 54 0.37 13.99 -28.91
N PRO A 55 0.15 13.45 -30.13
CA PRO A 55 -1.13 13.26 -30.82
C PRO A 55 -1.85 11.95 -30.52
N TYR A 56 -1.40 11.23 -29.49
CA TYR A 56 -2.00 9.97 -29.08
C TYR A 56 -3.05 10.20 -28.00
N PHE A 57 -3.72 9.12 -27.58
CA PHE A 57 -4.67 9.19 -26.46
C PHE A 57 -4.51 7.98 -25.52
N LEU A 58 -4.81 8.14 -24.22
CA LEU A 58 -4.70 7.03 -23.27
C LEU A 58 -5.86 6.04 -23.42
N ASP A 59 -5.55 4.77 -23.81
CA ASP A 59 -6.56 3.73 -24.01
C ASP A 59 -6.55 2.67 -22.91
N LEU A 60 -7.16 2.95 -21.76
CA LEU A 60 -7.21 1.97 -20.69
C LEU A 60 -8.33 0.97 -20.91
N ARG A 61 -7.94 -0.31 -20.97
CA ARG A 61 -8.85 -1.43 -21.15
C ARG A 61 -8.91 -2.17 -19.83
N LEU A 62 -10.12 -2.58 -19.41
CA LEU A 62 -10.30 -3.26 -18.14
C LEU A 62 -10.61 -4.74 -18.30
N TYR A 63 -9.94 -5.59 -17.51
CA TYR A 63 -10.11 -7.04 -17.49
C TYR A 63 -10.27 -7.52 -16.05
N ASP A 64 -11.34 -8.25 -15.79
CA ASP A 64 -11.64 -8.74 -14.45
C ASP A 64 -10.81 -9.96 -14.06
N THR A 65 -9.99 -9.81 -13.01
CA THR A 65 -9.22 -10.94 -12.49
C THR A 65 -10.09 -11.85 -11.60
N GLU A 66 -11.26 -11.33 -11.11
CA GLU A 66 -12.25 -11.95 -10.21
C GLU A 66 -11.57 -12.43 -8.93
N CYS A 67 -10.42 -11.83 -8.57
CA CYS A 67 -9.58 -12.21 -7.43
C CYS A 67 -9.31 -13.73 -7.40
N ASP A 68 -9.02 -14.28 -8.60
CA ASP A 68 -8.78 -15.71 -8.78
C ASP A 68 -7.59 -15.96 -9.64
N ASN A 69 -6.76 -16.92 -9.22
CA ASN A 69 -5.51 -17.30 -9.88
C ASN A 69 -5.74 -17.72 -11.31
N ALA A 70 -6.62 -18.69 -11.54
CA ALA A 70 -6.92 -19.20 -12.89
C ALA A 70 -7.53 -18.13 -13.77
N LYS A 71 -8.56 -17.46 -13.23
CA LYS A 71 -9.29 -16.45 -13.96
C LYS A 71 -8.44 -15.25 -14.28
N GLY A 72 -7.59 -14.87 -13.33
CA GLY A 72 -6.64 -13.78 -13.51
C GLY A 72 -5.72 -14.04 -14.68
N LEU A 73 -5.13 -15.25 -14.73
CA LEU A 73 -4.21 -15.65 -15.80
C LEU A 73 -4.90 -15.73 -17.16
N LYS A 74 -6.15 -16.22 -17.20
CA LYS A 74 -6.94 -16.30 -18.42
C LYS A 74 -7.24 -14.89 -18.97
N ALA A 75 -7.64 -13.93 -18.09
CA ALA A 75 -7.94 -12.52 -18.41
C ALA A 75 -6.72 -11.83 -19.02
N PHE A 76 -5.50 -12.12 -18.45
CA PHE A 76 -4.20 -11.63 -18.91
C PHE A 76 -3.88 -12.17 -20.31
N TYR A 77 -4.03 -13.49 -20.51
CA TYR A 77 -3.79 -14.17 -21.78
C TYR A 77 -4.80 -13.79 -22.85
N ASP A 78 -6.09 -13.64 -22.45
CA ASP A 78 -7.16 -13.22 -23.36
C ASP A 78 -6.94 -11.80 -23.84
N ALA A 79 -6.46 -10.91 -22.93
CA ALA A 79 -6.12 -9.51 -23.21
C ALA A 79 -5.01 -9.47 -24.26
N ILE A 80 -4.00 -10.34 -24.14
CA ILE A 80 -2.87 -10.40 -25.08
C ILE A 80 -3.32 -10.94 -26.45
N LYS A 81 -3.99 -12.10 -26.44
CA LYS A 81 -4.48 -12.76 -27.65
C LYS A 81 -5.46 -11.94 -28.47
N TYR A 82 -6.59 -11.53 -27.88
CA TYR A 82 -7.65 -10.88 -28.63
C TYR A 82 -7.76 -9.39 -28.41
N GLY A 83 -6.98 -8.84 -27.50
CA GLY A 83 -7.06 -7.42 -27.22
C GLY A 83 -6.10 -6.56 -28.03
N PRO A 84 -6.16 -5.20 -27.91
CA PRO A 84 -5.21 -4.35 -28.65
C PRO A 84 -3.78 -4.51 -28.12
N ASN A 85 -2.86 -3.74 -28.67
CA ASN A 85 -1.46 -3.80 -28.27
C ASN A 85 -1.24 -3.04 -26.98
N HIS A 86 -1.24 -3.73 -25.84
CA HIS A 86 -1.03 -3.08 -24.55
C HIS A 86 0.46 -2.81 -24.37
N LEU A 87 0.78 -1.56 -23.97
CA LEU A 87 2.15 -1.10 -23.75
C LEU A 87 2.66 -1.46 -22.35
N MET A 88 1.75 -1.53 -21.36
CA MET A 88 2.01 -1.90 -19.97
C MET A 88 0.77 -2.37 -19.20
N VAL A 89 0.98 -2.97 -18.03
CA VAL A 89 -0.08 -3.51 -17.18
C VAL A 89 -0.35 -2.56 -16.02
N PHE A 90 -1.62 -2.28 -15.79
CA PHE A 90 -2.07 -1.45 -14.68
C PHE A 90 -3.06 -2.20 -13.81
N GLY A 91 -2.65 -2.47 -12.59
CA GLY A 91 -3.48 -3.18 -11.63
C GLY A 91 -2.75 -4.31 -10.94
N GLY A 92 -3.52 -5.29 -10.47
CA GLY A 92 -3.01 -6.41 -9.70
C GLY A 92 -3.33 -6.07 -8.27
N VAL A 93 -4.34 -6.74 -7.71
CA VAL A 93 -4.80 -6.44 -6.35
C VAL A 93 -4.51 -7.59 -5.41
N CYS A 94 -5.11 -8.76 -5.67
CA CYS A 94 -4.95 -9.94 -4.84
C CYS A 94 -3.56 -10.46 -4.95
N PRO A 95 -2.93 -10.77 -3.81
CA PRO A 95 -1.50 -11.13 -3.81
C PRO A 95 -1.04 -12.24 -4.75
N SER A 96 -1.74 -13.38 -4.68
CA SER A 96 -1.45 -14.58 -5.48
C SER A 96 -1.63 -14.34 -6.98
N VAL A 97 -2.70 -13.60 -7.36
CA VAL A 97 -3.02 -13.25 -8.74
C VAL A 97 -1.93 -12.35 -9.32
N THR A 98 -1.48 -11.34 -8.53
CA THR A 98 -0.45 -10.37 -8.92
C THR A 98 0.91 -11.06 -9.10
N SER A 99 1.28 -11.94 -8.16
CA SER A 99 2.52 -12.73 -8.20
C SER A 99 2.65 -13.63 -9.47
N ILE A 100 1.55 -14.29 -9.90
CA ILE A 100 1.55 -15.17 -11.08
C ILE A 100 1.76 -14.33 -12.37
N ILE A 101 0.99 -13.23 -12.48
CA ILE A 101 1.02 -12.31 -13.61
C ILE A 101 2.39 -11.62 -13.68
N ALA A 102 2.82 -11.02 -12.56
CA ALA A 102 4.10 -10.33 -12.49
C ALA A 102 5.31 -11.19 -12.84
N GLU A 103 5.23 -12.48 -12.52
CA GLU A 103 6.28 -13.44 -12.83
C GLU A 103 6.55 -13.54 -14.35
N SER A 104 5.50 -13.43 -15.18
CA SER A 104 5.57 -13.58 -16.63
C SER A 104 5.66 -12.29 -17.49
N LEU A 105 5.89 -11.15 -16.85
CA LEU A 105 5.98 -9.86 -17.56
C LEU A 105 7.16 -9.64 -18.49
N GLN A 106 8.41 -9.96 -18.03
CA GLN A 106 9.65 -9.78 -18.82
C GLN A 106 9.62 -10.55 -20.14
N GLY A 107 9.02 -11.74 -20.14
CA GLY A 107 8.85 -12.57 -21.34
C GLY A 107 7.93 -11.90 -22.34
N TRP A 108 7.03 -11.03 -21.85
CA TRP A 108 6.07 -10.31 -22.66
C TRP A 108 6.42 -8.85 -22.97
N ASN A 109 7.53 -8.30 -22.39
CA ASN A 109 8.01 -6.91 -22.54
C ASN A 109 7.01 -5.90 -21.96
N LEU A 110 6.34 -6.32 -20.86
CA LEU A 110 5.29 -5.56 -20.21
C LEU A 110 5.63 -5.11 -18.80
N VAL A 111 5.81 -3.79 -18.64
CA VAL A 111 6.07 -3.19 -17.32
C VAL A 111 4.72 -3.14 -16.58
N GLN A 112 4.70 -3.51 -15.30
CA GLN A 112 3.47 -3.48 -14.51
C GLN A 112 3.51 -2.45 -13.40
N LEU A 113 2.39 -1.72 -13.21
CA LEU A 113 2.22 -0.77 -12.13
C LEU A 113 0.93 -1.08 -11.36
N SER A 114 1.08 -1.47 -10.09
CA SER A 114 0.01 -1.82 -9.15
C SER A 114 -0.17 -0.67 -8.17
N PHE A 115 -1.42 -0.43 -7.79
CA PHE A 115 -1.79 0.62 -6.82
C PHE A 115 -2.34 -0.01 -5.54
N ALA A 116 -2.50 -1.35 -5.48
CA ALA A 116 -3.09 -1.98 -4.31
C ALA A 116 -2.39 -3.22 -3.76
N ALA A 117 -1.53 -3.89 -4.57
CA ALA A 117 -0.83 -5.10 -4.14
C ALA A 117 0.30 -4.76 -3.17
N THR A 118 0.03 -4.92 -1.86
CA THR A 118 0.96 -4.57 -0.80
C THR A 118 1.90 -5.70 -0.35
N THR A 119 1.75 -6.94 -0.88
CA THR A 119 2.56 -8.09 -0.47
C THR A 119 4.06 -7.85 -0.42
N PRO A 120 4.73 -8.21 0.70
CA PRO A 120 6.19 -8.06 0.79
C PRO A 120 6.95 -8.90 -0.26
N VAL A 121 6.35 -10.00 -0.77
CA VAL A 121 6.88 -10.94 -1.79
C VAL A 121 7.26 -10.24 -3.11
N LEU A 122 6.40 -9.32 -3.60
CA LEU A 122 6.64 -8.61 -4.86
C LEU A 122 7.86 -7.67 -4.88
N ALA A 123 8.57 -7.52 -3.74
CA ALA A 123 9.79 -6.73 -3.63
C ALA A 123 11.00 -7.42 -4.28
N ASP A 124 10.91 -8.73 -4.55
CA ASP A 124 11.97 -9.51 -5.18
C ASP A 124 12.11 -9.15 -6.66
N LYS A 125 13.02 -8.22 -6.97
CA LYS A 125 13.27 -7.76 -8.33
C LYS A 125 14.15 -8.69 -9.18
N LYS A 126 14.40 -9.90 -8.67
CA LYS A 126 15.10 -10.96 -9.38
C LYS A 126 13.99 -11.82 -9.99
N LYS A 127 12.89 -12.03 -9.22
CA LYS A 127 11.71 -12.78 -9.65
C LYS A 127 10.71 -11.88 -10.40
N TYR A 128 10.51 -10.63 -9.94
CA TYR A 128 9.59 -9.67 -10.56
C TYR A 128 10.37 -8.42 -10.95
N PRO A 129 11.21 -8.49 -12.02
CA PRO A 129 12.00 -7.31 -12.41
C PRO A 129 11.24 -6.18 -13.10
N TYR A 130 10.10 -6.48 -13.75
CA TYR A 130 9.27 -5.53 -14.48
C TYR A 130 8.03 -5.08 -13.67
N PHE A 131 8.02 -5.34 -12.34
CA PHE A 131 6.90 -4.95 -11.48
C PHE A 131 7.20 -3.72 -10.63
N PHE A 132 6.28 -2.76 -10.64
CA PHE A 132 6.32 -1.51 -9.86
C PHE A 132 5.01 -1.37 -9.08
N ARG A 133 5.01 -0.54 -8.01
CA ARG A 133 3.82 -0.23 -7.21
C ARG A 133 3.88 1.13 -6.49
N THR A 134 2.80 1.92 -6.63
CA THR A 134 2.69 3.24 -6.00
C THR A 134 2.37 3.11 -4.51
N VAL A 135 1.83 1.98 -4.09
CA VAL A 135 1.44 1.80 -2.69
C VAL A 135 2.62 1.23 -1.88
N PRO A 136 2.90 1.78 -0.67
CA PRO A 136 3.95 1.21 0.18
C PRO A 136 3.60 -0.23 0.56
N SER A 137 4.59 -1.11 0.53
CA SER A 137 4.39 -2.52 0.87
C SER A 137 4.10 -2.68 2.37
N ASP A 138 3.69 -3.88 2.80
CA ASP A 138 3.39 -4.20 4.20
C ASP A 138 4.58 -3.98 5.14
N ASN A 139 5.81 -4.14 4.63
CA ASN A 139 7.08 -3.95 5.33
C ASN A 139 7.37 -2.49 5.60
N ALA A 140 6.75 -1.54 4.85
CA ALA A 140 7.01 -0.11 5.04
C ALA A 140 6.79 0.40 6.46
N VAL A 141 5.92 -0.30 7.22
CA VAL A 141 5.65 -0.01 8.62
C VAL A 141 6.88 -0.18 9.49
N ASN A 142 7.80 -1.12 9.19
CA ASN A 142 8.98 -1.42 10.00
C ASN A 142 9.96 -0.25 10.22
N PRO A 143 10.42 0.46 9.14
CA PRO A 143 11.30 1.62 9.37
C PRO A 143 10.60 2.71 10.19
N ALA A 144 9.29 2.90 9.96
CA ALA A 144 8.46 3.84 10.70
C ALA A 144 8.41 3.45 12.18
N ILE A 145 8.19 2.14 12.46
CA ILE A 145 8.13 1.59 13.82
C ILE A 145 9.46 1.82 14.53
N LEU A 146 10.57 1.49 13.83
CA LEU A 146 11.93 1.66 14.34
C LEU A 146 12.14 3.09 14.79
N LYS A 147 11.67 4.09 13.99
CA LYS A 147 11.80 5.51 14.33
C LYS A 147 11.01 5.90 15.59
N LEU A 148 9.81 5.31 15.76
CA LEU A 148 8.93 5.50 16.92
C LEU A 148 9.59 4.96 18.22
N LEU A 149 10.16 3.74 18.17
CA LEU A 149 10.83 3.08 19.29
C LEU A 149 12.02 3.89 19.81
N LYS A 150 12.88 4.39 18.89
CA LYS A 150 14.02 5.22 19.21
C LYS A 150 13.57 6.57 19.81
N HIS A 151 12.46 7.15 19.30
CA HIS A 151 11.91 8.41 19.77
C HIS A 151 11.55 8.34 21.24
N TYR A 152 10.87 7.26 21.64
CA TYR A 152 10.43 7.07 23.02
C TYR A 152 11.41 6.27 23.88
N GLN A 153 12.63 6.01 23.37
CA GLN A 153 13.69 5.24 24.07
C GLN A 153 13.23 3.81 24.45
N TRP A 154 12.44 3.18 23.58
CA TRP A 154 11.98 1.82 23.80
C TRP A 154 12.94 0.88 23.06
N LYS A 155 13.98 0.44 23.78
CA LYS A 155 15.08 -0.39 23.28
C LYS A 155 14.89 -1.89 23.54
N ARG A 156 13.83 -2.24 24.29
CA ARG A 156 13.47 -3.64 24.59
C ARG A 156 12.00 -3.84 24.28
N VAL A 157 11.75 -4.62 23.22
CA VAL A 157 10.40 -4.97 22.74
C VAL A 157 10.20 -6.47 22.67
N GLY A 158 8.93 -6.86 22.58
CA GLY A 158 8.47 -8.22 22.39
C GLY A 158 7.60 -8.19 21.15
N THR A 159 7.51 -9.31 20.41
CA THR A 159 6.70 -9.36 19.19
C THR A 159 5.66 -10.47 19.24
N LEU A 160 4.42 -10.18 18.78
CA LEU A 160 3.31 -11.13 18.69
C LEU A 160 2.84 -11.17 17.24
N THR A 161 3.08 -12.30 16.57
CA THR A 161 2.77 -12.47 15.15
C THR A 161 1.80 -13.61 14.92
N GLN A 162 0.87 -13.40 13.98
CA GLN A 162 -0.08 -14.41 13.53
C GLN A 162 0.64 -15.25 12.50
N ASP A 163 0.50 -16.58 12.58
CA ASP A 163 1.18 -17.48 11.66
C ASP A 163 0.48 -17.55 10.30
N VAL A 164 0.57 -16.46 9.57
CA VAL A 164 0.01 -16.32 8.23
C VAL A 164 1.07 -15.57 7.46
N GLN A 165 1.30 -15.93 6.17
CA GLN A 165 2.32 -15.31 5.33
C GLN A 165 2.37 -13.79 5.40
N ARG A 166 1.20 -13.11 5.33
CA ARG A 166 1.03 -11.66 5.39
C ARG A 166 1.85 -11.12 6.56
N PHE A 167 1.56 -11.66 7.73
CA PHE A 167 2.17 -11.20 8.96
C PHE A 167 3.55 -11.74 9.17
N SER A 168 3.81 -13.00 8.76
CA SER A 168 5.14 -13.62 8.90
C SER A 168 6.20 -12.79 8.19
N GLU A 169 5.90 -12.43 6.94
CA GLU A 169 6.82 -11.67 6.10
C GLU A 169 7.16 -10.30 6.67
N VAL A 170 6.21 -9.66 7.33
CA VAL A 170 6.43 -8.37 7.98
C VAL A 170 7.35 -8.53 9.19
N ARG A 171 7.11 -9.56 10.03
CA ARG A 171 7.90 -9.86 11.23
C ARG A 171 9.35 -10.24 10.87
N ASN A 172 9.54 -11.03 9.81
CA ASN A 172 10.87 -11.43 9.36
C ASN A 172 11.66 -10.21 8.82
N ASP A 173 10.98 -9.29 8.07
CA ASP A 173 11.59 -8.06 7.51
C ASP A 173 12.07 -7.18 8.64
N LEU A 174 11.35 -7.18 9.79
CA LEU A 174 11.70 -6.45 11.00
C LEU A 174 13.08 -6.89 11.50
N THR A 175 13.41 -8.21 11.42
CA THR A 175 14.75 -8.65 11.84
C THR A 175 15.90 -7.91 11.08
N GLY A 176 15.73 -7.75 9.77
CA GLY A 176 16.65 -7.05 8.88
C GLY A 176 16.79 -5.56 9.15
N VAL A 177 15.66 -4.92 9.47
CA VAL A 177 15.58 -3.48 9.76
C VAL A 177 16.37 -3.13 11.04
N LEU A 178 16.32 -4.01 12.06
CA LEU A 178 16.99 -3.83 13.35
C LEU A 178 18.42 -4.42 13.40
N TYR A 179 19.25 -4.12 12.41
CA TYR A 179 20.57 -4.73 12.47
C TYR A 179 21.63 -4.07 13.31
N GLY A 180 21.94 -2.81 13.03
CA GLY A 180 22.91 -2.08 13.83
C GLY A 180 22.24 -1.25 14.89
N GLU A 181 20.91 -1.35 14.96
CA GLU A 181 20.05 -0.60 15.86
C GLU A 181 20.17 -1.09 17.28
N ASP A 182 20.14 -0.17 18.25
CA ASP A 182 20.22 -0.52 19.66
C ASP A 182 18.86 -0.92 20.21
N ILE A 183 18.23 -1.90 19.53
CA ILE A 183 16.93 -2.42 19.92
C ILE A 183 17.07 -3.92 19.94
N GLU A 184 16.53 -4.54 21.00
CA GLU A 184 16.58 -5.98 21.17
C GLU A 184 15.18 -6.51 21.36
N ILE A 185 14.89 -7.62 20.67
CA ILE A 185 13.63 -8.32 20.75
C ILE A 185 13.88 -9.38 21.80
N SER A 186 13.64 -9.03 23.06
CA SER A 186 13.85 -9.94 24.18
C SER A 186 12.91 -11.16 24.11
N ASP A 187 11.83 -11.08 23.30
CA ASP A 187 10.87 -12.17 23.16
C ASP A 187 10.15 -12.15 21.81
N THR A 188 10.10 -13.32 21.14
CA THR A 188 9.37 -13.49 19.87
C THR A 188 8.30 -14.56 20.07
N GLU A 189 7.03 -14.16 19.99
CA GLU A 189 5.91 -15.07 20.14
C GLU A 189 5.06 -15.24 18.86
N SER A 190 4.51 -16.46 18.65
CA SER A 190 3.71 -16.83 17.49
C SER A 190 2.41 -17.55 17.89
N PHE A 191 1.42 -17.57 16.99
CA PHE A 191 0.12 -18.22 17.17
C PHE A 191 -0.61 -18.33 15.82
N SER A 192 -1.57 -19.25 15.73
CA SER A 192 -2.36 -19.47 14.53
C SER A 192 -3.85 -19.23 14.78
N ASN A 193 -4.40 -19.82 15.87
CA ASN A 193 -5.81 -19.73 16.24
C ASN A 193 -6.03 -19.04 17.58
N ASP A 194 -5.14 -19.25 18.57
CA ASP A 194 -5.27 -18.63 19.90
C ASP A 194 -4.01 -17.96 20.42
N PRO A 195 -4.09 -16.63 20.63
CA PRO A 195 -2.92 -15.88 21.10
C PRO A 195 -2.69 -15.92 22.60
N CYS A 196 -3.65 -16.46 23.37
CA CYS A 196 -3.57 -16.47 24.83
C CYS A 196 -2.33 -17.08 25.41
N THR A 197 -1.86 -18.20 24.84
CA THR A 197 -0.64 -18.86 25.29
C THR A 197 0.60 -17.97 25.11
N SER A 198 0.75 -17.38 23.91
CA SER A 198 1.86 -16.49 23.57
C SER A 198 1.86 -15.20 24.42
N VAL A 199 0.66 -14.68 24.77
CA VAL A 199 0.49 -13.48 25.62
C VAL A 199 0.95 -13.78 27.08
N LYS A 200 0.69 -15.03 27.55
CA LYS A 200 1.08 -15.51 28.88
C LYS A 200 2.59 -15.55 28.97
N LYS A 201 3.22 -16.05 27.89
CA LYS A 201 4.67 -16.14 27.75
C LYS A 201 5.31 -14.75 27.78
N LEU A 202 4.76 -13.76 27.01
CA LEU A 202 5.25 -12.37 26.96
C LEU A 202 5.21 -11.70 28.33
N LYS A 203 4.13 -11.99 29.11
CA LYS A 203 3.99 -11.48 30.47
C LYS A 203 4.99 -12.14 31.41
N GLY A 204 5.25 -13.43 31.21
CA GLY A 204 6.23 -14.21 31.97
C GLY A 204 7.65 -13.71 31.72
N ASN A 205 7.92 -13.27 30.46
CA ASN A 205 9.21 -12.72 30.05
C ASN A 205 9.35 -11.24 30.41
N ASP A 206 8.30 -10.67 31.02
CA ASP A 206 8.20 -9.28 31.48
C ASP A 206 8.25 -8.21 30.36
N VAL A 207 7.67 -8.53 29.19
CA VAL A 207 7.63 -7.60 28.05
C VAL A 207 6.66 -6.45 28.34
N ARG A 208 7.10 -5.21 28.03
CA ARG A 208 6.33 -3.99 28.25
C ARG A 208 5.88 -3.33 26.95
N ILE A 209 6.73 -3.38 25.89
CA ILE A 209 6.38 -2.81 24.57
C ILE A 209 6.16 -3.96 23.58
N ILE A 210 4.90 -4.13 23.07
CA ILE A 210 4.54 -5.22 22.17
C ILE A 210 4.29 -4.76 20.75
N LEU A 211 4.93 -5.44 19.79
CA LEU A 211 4.79 -5.19 18.37
C LEU A 211 3.94 -6.31 17.81
N GLY A 212 2.67 -6.00 17.59
CA GLY A 212 1.70 -6.96 17.10
C GLY A 212 1.45 -6.94 15.60
N GLN A 213 1.37 -8.13 15.00
CA GLN A 213 1.08 -8.35 13.58
C GLN A 213 0.07 -9.48 13.46
N PHE A 214 -1.22 -9.10 13.30
CA PHE A 214 -2.38 -10.00 13.23
C PHE A 214 -3.60 -9.30 12.64
N ASP A 215 -4.61 -10.06 12.18
CA ASP A 215 -5.82 -9.52 11.57
C ASP A 215 -6.77 -8.96 12.59
N GLN A 216 -7.87 -8.27 12.18
CA GLN A 216 -8.83 -7.75 13.16
C GLN A 216 -9.54 -8.80 14.01
N ASN A 217 -9.88 -10.00 13.45
CA ASN A 217 -10.52 -11.07 14.24
C ASN A 217 -9.64 -11.53 15.42
N MET A 218 -8.33 -11.68 15.14
CA MET A 218 -7.34 -12.07 16.13
C MET A 218 -7.10 -10.94 17.11
N ALA A 219 -7.23 -9.65 16.72
CA ALA A 219 -6.99 -8.49 17.60
C ALA A 219 -7.86 -8.46 18.84
N ALA A 220 -9.16 -8.82 18.68
CA ALA A 220 -10.12 -8.89 19.79
C ALA A 220 -9.66 -9.98 20.80
N LYS A 221 -9.18 -11.13 20.27
CA LYS A 221 -8.65 -12.23 21.09
C LYS A 221 -7.40 -11.76 21.84
N VAL A 222 -6.44 -11.09 21.15
CA VAL A 222 -5.18 -10.57 21.74
C VAL A 222 -5.48 -9.63 22.90
N PHE A 223 -6.40 -8.67 22.68
CA PHE A 223 -6.79 -7.71 23.70
C PHE A 223 -7.60 -8.32 24.84
N CYS A 224 -8.28 -9.42 24.57
CA CYS A 224 -9.03 -10.13 25.60
C CYS A 224 -8.03 -10.84 26.54
N CYS A 225 -6.99 -11.45 25.95
CA CYS A 225 -5.92 -12.16 26.66
C CYS A 225 -5.11 -11.19 27.52
N ALA A 226 -4.77 -10.03 26.93
CA ALA A 226 -4.02 -8.92 27.53
C ALA A 226 -4.69 -8.41 28.81
N TYR A 227 -6.06 -8.37 28.82
CA TYR A 227 -6.86 -7.97 29.96
C TYR A 227 -6.69 -8.95 31.12
N GLU A 228 -6.93 -10.25 30.89
CA GLU A 228 -6.75 -11.29 31.92
C GLU A 228 -5.30 -11.38 32.43
N GLU A 229 -4.32 -11.13 31.56
CA GLU A 229 -2.92 -11.17 31.93
C GLU A 229 -2.37 -9.84 32.52
N ASN A 230 -3.25 -8.82 32.74
CA ASN A 230 -2.90 -7.49 33.27
C ASN A 230 -1.94 -6.69 32.36
N MET A 231 -1.78 -7.12 31.09
CA MET A 231 -0.86 -6.49 30.16
C MET A 231 -1.43 -5.27 29.45
N TYR A 232 -1.86 -4.30 30.24
CA TYR A 232 -2.42 -3.05 29.77
C TYR A 232 -2.25 -1.99 30.84
N GLY A 233 -2.60 -0.76 30.51
CA GLY A 233 -2.50 0.37 31.41
C GLY A 233 -1.22 1.16 31.22
N SER A 234 -0.83 1.87 32.27
CA SER A 234 0.32 2.77 32.32
C SER A 234 1.70 2.17 32.01
N LYS A 235 1.90 0.90 32.34
CA LYS A 235 3.18 0.22 32.16
C LYS A 235 3.37 -0.48 30.81
N TYR A 236 2.35 -0.50 29.96
CA TYR A 236 2.39 -1.22 28.69
C TYR A 236 2.11 -0.39 27.46
N GLN A 237 2.68 -0.81 26.30
CA GLN A 237 2.44 -0.15 25.02
C GLN A 237 2.30 -1.15 23.88
N TRP A 238 1.09 -1.25 23.28
CA TRP A 238 0.84 -2.13 22.13
C TRP A 238 0.97 -1.32 20.84
N ILE A 239 1.70 -1.86 19.85
CA ILE A 239 1.88 -1.24 18.53
C ILE A 239 1.39 -2.29 17.55
N ILE A 240 0.25 -2.03 16.90
CA ILE A 240 -0.42 -3.01 16.05
C ILE A 240 -0.85 -2.46 14.67
N PRO A 241 -1.41 -3.31 13.74
CA PRO A 241 -1.88 -2.80 12.44
C PRO A 241 -2.95 -1.70 12.54
N GLY A 242 -2.78 -0.64 11.77
CA GLY A 242 -3.72 0.48 11.76
C GLY A 242 -4.79 0.39 10.70
N TRP A 243 -4.82 -0.70 9.93
CA TRP A 243 -5.78 -0.85 8.83
C TRP A 243 -7.09 -1.50 9.19
N TYR A 244 -7.40 -1.67 10.48
CA TYR A 244 -8.67 -2.30 10.86
C TYR A 244 -9.88 -1.40 10.59
N GLU A 245 -11.10 -2.00 10.51
CA GLU A 245 -12.37 -1.30 10.30
C GLU A 245 -12.74 -0.38 11.46
N PRO A 246 -13.31 0.82 11.17
CA PRO A 246 -13.67 1.79 12.24
C PRO A 246 -14.25 1.22 13.54
N SER A 247 -15.25 0.35 13.43
CA SER A 247 -15.92 -0.25 14.57
C SER A 247 -15.59 -1.75 14.70
N TRP A 248 -14.32 -2.13 14.48
CA TRP A 248 -13.90 -3.53 14.55
C TRP A 248 -14.21 -4.23 15.88
N TRP A 249 -14.05 -3.49 16.99
CA TRP A 249 -14.29 -3.91 18.38
C TRP A 249 -15.77 -4.01 18.73
N GLU A 250 -16.61 -3.22 18.05
CA GLU A 250 -18.06 -3.19 18.24
C GLU A 250 -18.71 -4.48 17.67
N GLN A 251 -18.00 -5.15 16.75
CA GLN A 251 -18.44 -6.37 16.06
C GLN A 251 -18.39 -7.66 16.89
N VAL A 252 -17.95 -7.59 18.16
CA VAL A 252 -17.85 -8.68 19.17
C VAL A 252 -18.54 -10.01 18.79
N CYS A 261 -14.25 -12.41 27.26
CA CYS A 261 -14.32 -11.22 28.11
C CYS A 261 -15.43 -10.26 27.69
N LEU A 262 -15.84 -9.39 28.62
CA LEU A 262 -16.86 -8.37 28.41
C LEU A 262 -16.29 -7.27 27.53
N ARG A 263 -17.16 -6.51 26.83
CA ARG A 263 -16.78 -5.37 25.96
C ARG A 263 -16.10 -4.20 26.71
N LYS A 264 -16.41 -4.02 28.00
CA LYS A 264 -15.79 -2.96 28.80
C LYS A 264 -14.33 -3.30 29.09
N ASN A 265 -14.02 -4.59 29.35
CA ASN A 265 -12.68 -5.08 29.64
C ASN A 265 -11.81 -5.06 28.40
N LEU A 266 -12.42 -5.34 27.22
CA LEU A 266 -11.77 -5.30 25.91
C LEU A 266 -11.31 -3.88 25.61
N LEU A 267 -12.15 -2.89 25.95
CA LEU A 267 -11.82 -1.48 25.77
C LEU A 267 -10.75 -0.99 26.75
N ALA A 268 -10.74 -1.53 27.99
CA ALA A 268 -9.75 -1.19 29.02
C ALA A 268 -8.34 -1.60 28.58
N ALA A 269 -8.23 -2.76 27.91
CA ALA A 269 -6.98 -3.28 27.38
C ALA A 269 -6.59 -2.60 26.05
N MET A 270 -7.59 -2.17 25.25
CA MET A 270 -7.33 -1.47 23.99
C MET A 270 -6.73 -0.07 24.19
N GLU A 271 -7.28 0.70 25.14
CA GLU A 271 -6.89 2.08 25.48
C GLU A 271 -5.40 2.39 25.34
N GLY A 272 -5.09 3.35 24.47
CA GLY A 272 -3.72 3.80 24.23
C GLY A 272 -2.90 3.11 23.15
N TYR A 273 -3.41 1.99 22.59
CA TYR A 273 -2.69 1.24 21.55
C TYR A 273 -2.39 2.13 20.32
N ILE A 274 -1.23 1.91 19.68
CA ILE A 274 -0.83 2.65 18.48
C ILE A 274 -1.04 1.82 17.21
N GLY A 275 -1.72 2.42 16.24
CA GLY A 275 -2.01 1.80 14.96
C GLY A 275 -1.06 2.30 13.89
N VAL A 276 -0.50 1.38 13.08
CA VAL A 276 0.44 1.72 12.00
C VAL A 276 -0.11 1.19 10.68
N ASP A 277 -0.19 2.04 9.66
CA ASP A 277 -0.64 1.74 8.29
C ASP A 277 -0.14 2.86 7.38
N PHE A 278 -0.25 2.68 6.04
CA PHE A 278 0.17 3.69 5.08
C PHE A 278 -0.85 4.84 5.11
N GLU A 279 -0.41 6.05 4.76
CA GLU A 279 -1.30 7.23 4.74
C GLU A 279 -2.04 7.32 3.40
N PRO A 280 -3.40 7.25 3.40
CA PRO A 280 -4.15 7.24 2.13
C PRO A 280 -3.86 8.42 1.21
N LEU A 281 -3.72 9.62 1.81
CA LEU A 281 -3.47 10.87 1.09
C LEU A 281 -2.54 11.77 1.88
N SER A 282 -1.74 12.58 1.16
CA SER A 282 -0.80 13.54 1.73
C SER A 282 -1.52 14.71 2.43
N SER A 283 -0.91 15.21 3.52
CA SER A 283 -1.47 16.33 4.28
C SER A 283 -0.88 17.67 3.83
N LYS A 284 0.14 17.63 2.93
CA LYS A 284 0.82 18.81 2.37
C LYS A 284 -0.10 19.51 1.39
N GLN A 285 -0.21 20.82 1.52
CA GLN A 285 -1.09 21.63 0.69
C GLN A 285 -0.44 22.08 -0.59
N ILE A 286 0.53 21.31 -1.09
CA ILE A 286 1.23 21.61 -2.32
C ILE A 286 0.40 21.16 -3.55
N LYS A 287 0.57 21.83 -4.70
CA LYS A 287 -0.07 21.49 -5.97
C LYS A 287 0.64 20.24 -6.49
N THR A 288 -0.12 19.21 -6.79
CA THR A 288 0.42 17.95 -7.31
C THR A 288 0.73 18.10 -8.82
N ILE A 289 1.12 16.98 -9.50
CA ILE A 289 1.41 16.94 -10.94
C ILE A 289 0.19 17.34 -11.79
N SER A 290 -1.04 16.97 -11.35
CA SER A 290 -2.30 17.30 -12.02
C SER A 290 -2.56 18.80 -11.98
N GLY A 291 -2.04 19.46 -10.94
CA GLY A 291 -2.18 20.89 -10.71
C GLY A 291 -3.19 21.13 -9.63
N LYS A 292 -3.60 20.05 -8.93
CA LYS A 292 -4.56 20.09 -7.83
C LYS A 292 -3.86 19.74 -6.54
N THR A 293 -4.40 20.18 -5.40
CA THR A 293 -3.83 19.86 -4.09
C THR A 293 -4.42 18.49 -3.66
N PRO A 294 -3.81 17.72 -2.70
CA PRO A 294 -4.43 16.47 -2.24
C PRO A 294 -5.84 16.64 -1.64
N GLN A 295 -6.16 17.85 -1.11
CA GLN A 295 -7.46 18.20 -0.51
C GLN A 295 -8.50 18.50 -1.58
N GLN A 296 -8.09 19.19 -2.69
CA GLN A 296 -8.95 19.54 -3.83
C GLN A 296 -9.26 18.27 -4.62
N TYR A 297 -8.29 17.35 -4.70
CA TYR A 297 -8.50 16.06 -5.34
C TYR A 297 -9.48 15.23 -4.51
N GLU A 298 -9.33 15.20 -3.17
CA GLU A 298 -10.20 14.41 -2.31
C GLU A 298 -11.68 14.76 -2.45
N ARG A 299 -12.04 16.07 -2.36
CA ARG A 299 -13.41 16.57 -2.51
C ARG A 299 -13.94 16.12 -3.89
N GLU A 300 -13.14 16.37 -4.95
CA GLU A 300 -13.46 15.97 -6.32
C GLU A 300 -13.69 14.47 -6.44
N TYR A 301 -12.83 13.65 -5.81
CA TYR A 301 -12.97 12.19 -5.81
C TYR A 301 -14.29 11.77 -5.15
N ASN A 302 -14.66 12.51 -4.09
CA ASN A 302 -15.87 12.23 -3.32
C ASN A 302 -17.16 12.53 -4.05
N ASN A 303 -17.14 13.45 -5.03
CA ASN A 303 -18.28 13.79 -5.86
C ASN A 303 -18.46 12.74 -6.96
N LYS A 304 -17.34 12.24 -7.51
CA LYS A 304 -17.34 11.20 -8.53
C LYS A 304 -17.83 9.85 -8.07
N ARG A 305 -17.42 9.39 -6.87
CA ARG A 305 -17.80 8.10 -6.34
C ARG A 305 -19.31 7.90 -6.23
N SER A 306 -20.06 8.93 -5.79
CA SER A 306 -21.53 8.91 -5.67
C SER A 306 -22.03 7.63 -5.00
N GLY A 307 -21.56 7.42 -3.78
CA GLY A 307 -21.94 6.26 -2.99
C GLY A 307 -21.28 4.96 -3.39
N VAL A 308 -20.38 4.95 -4.41
CA VAL A 308 -19.60 3.78 -4.90
C VAL A 308 -18.87 3.07 -3.77
N GLY A 309 -18.67 3.80 -2.68
CA GLY A 309 -17.94 3.28 -1.55
C GLY A 309 -16.51 3.72 -1.71
N PRO A 310 -15.83 4.02 -0.59
CA PRO A 310 -14.47 4.52 -0.68
C PRO A 310 -13.40 3.44 -0.51
N SER A 311 -12.32 3.57 -1.27
CA SER A 311 -11.17 2.68 -1.15
C SER A 311 -10.05 3.58 -0.74
N LYS A 312 -9.25 3.13 0.24
CA LYS A 312 -8.11 3.87 0.74
C LYS A 312 -6.97 3.89 -0.28
N PHE A 313 -7.09 3.05 -1.32
CA PHE A 313 -6.16 2.95 -2.43
C PHE A 313 -6.55 3.87 -3.57
N HIS A 314 -7.56 4.74 -3.42
CA HIS A 314 -7.93 5.62 -4.54
C HIS A 314 -6.84 6.63 -4.95
N GLY A 315 -6.15 7.20 -3.96
CA GLY A 315 -5.06 8.15 -4.18
C GLY A 315 -3.93 7.51 -4.96
N TYR A 316 -3.59 6.27 -4.59
CA TYR A 316 -2.54 5.47 -5.21
C TYR A 316 -2.91 5.16 -6.66
N ALA A 317 -4.18 4.76 -6.93
CA ALA A 317 -4.67 4.49 -8.29
C ALA A 317 -4.59 5.74 -9.16
N TYR A 318 -5.01 6.90 -8.62
CA TYR A 318 -4.97 8.20 -9.29
C TYR A 318 -3.52 8.54 -9.70
N ASP A 319 -2.58 8.36 -8.75
CA ASP A 319 -1.16 8.61 -8.96
C ASP A 319 -0.57 7.60 -9.95
N GLY A 320 -0.99 6.32 -9.86
CA GLY A 320 -0.60 5.25 -10.78
C GLY A 320 -0.89 5.60 -12.24
N ILE A 321 -2.06 6.22 -12.53
CA ILE A 321 -2.39 6.69 -13.88
C ILE A 321 -1.45 7.80 -14.31
N TRP A 322 -1.12 8.74 -13.39
CA TRP A 322 -0.18 9.83 -13.67
C TRP A 322 1.23 9.32 -13.91
N VAL A 323 1.64 8.23 -13.25
CA VAL A 323 2.96 7.59 -13.44
C VAL A 323 3.01 7.02 -14.87
N ILE A 324 1.92 6.33 -15.27
CA ILE A 324 1.78 5.73 -16.59
C ILE A 324 1.89 6.77 -17.73
N ALA A 325 1.14 7.89 -17.60
CA ALA A 325 1.13 8.97 -18.59
C ALA A 325 2.49 9.61 -18.71
N LYS A 326 3.15 9.92 -17.57
CA LYS A 326 4.49 10.54 -17.57
C LYS A 326 5.53 9.56 -18.11
N THR A 327 5.33 8.24 -17.89
CA THR A 327 6.22 7.19 -18.40
C THR A 327 6.15 7.13 -19.91
N LEU A 328 4.94 7.26 -20.47
CA LEU A 328 4.69 7.26 -21.90
C LEU A 328 5.18 8.56 -22.53
N GLN A 329 5.06 9.69 -21.81
CA GLN A 329 5.55 10.98 -22.30
C GLN A 329 7.06 10.88 -22.48
N ARG A 330 7.77 10.37 -21.44
CA ARG A 330 9.22 10.15 -21.45
C ARG A 330 9.62 9.16 -22.56
N ALA A 331 8.85 8.04 -22.70
CA ALA A 331 9.08 6.99 -23.70
C ALA A 331 8.99 7.53 -25.14
N MET A 332 8.06 8.47 -25.40
CA MET A 332 7.85 9.13 -26.68
C MET A 332 9.05 10.01 -27.04
N GLU A 333 9.57 10.77 -26.05
CA GLU A 333 10.74 11.66 -26.18
C GLU A 333 11.95 10.82 -26.60
N THR A 334 12.18 9.67 -25.93
CA THR A 334 13.28 8.74 -26.18
C THR A 334 13.21 8.18 -27.59
N LEU A 335 12.02 7.77 -28.04
CA LEU A 335 11.80 7.21 -29.37
C LEU A 335 12.01 8.22 -30.48
N HIS A 336 11.60 9.50 -30.27
CA HIS A 336 11.83 10.55 -31.28
C HIS A 336 13.35 10.86 -31.34
N ALA A 337 14.09 10.63 -30.23
CA ALA A 337 15.54 10.80 -30.21
C ALA A 337 16.26 9.66 -30.98
N SER A 338 15.67 8.43 -31.00
CA SER A 338 16.20 7.26 -31.72
C SER A 338 15.46 7.12 -33.06
N SER A 339 16.08 7.60 -34.13
CA SER A 339 15.55 7.61 -35.48
C SER A 339 15.26 6.21 -36.07
N ARG A 340 14.26 6.13 -37.00
CA ARG A 340 13.84 4.93 -37.74
C ARG A 340 13.04 3.86 -36.94
N HIS A 341 12.55 4.19 -35.72
CA HIS A 341 11.79 3.20 -34.93
C HIS A 341 10.70 3.78 -33.97
N GLN A 342 10.17 4.96 -34.25
CA GLN A 342 9.21 5.57 -33.33
C GLN A 342 7.72 5.39 -33.62
N ARG A 343 7.29 4.14 -33.75
CA ARG A 343 5.89 3.84 -33.98
C ARG A 343 5.32 3.12 -32.76
N ILE A 344 5.17 3.85 -31.64
CA ILE A 344 4.66 3.36 -30.35
C ILE A 344 3.39 2.52 -30.45
N GLN A 345 2.36 3.02 -31.16
CA GLN A 345 1.07 2.37 -31.38
C GLN A 345 1.19 0.95 -31.98
N ASP A 346 2.29 0.69 -32.71
CA ASP A 346 2.61 -0.57 -33.36
C ASP A 346 3.13 -1.71 -32.46
N PHE A 347 3.52 -1.41 -31.21
CA PHE A 347 4.05 -2.39 -30.25
C PHE A 347 3.32 -3.73 -30.11
N ASN A 348 3.84 -4.73 -30.82
CA ASN A 348 3.40 -6.10 -30.68
C ASN A 348 4.43 -6.56 -29.67
N TYR A 349 4.00 -7.30 -28.66
CA TYR A 349 4.80 -7.75 -27.53
C TYR A 349 6.24 -8.22 -27.79
N THR A 350 6.64 -8.30 -29.06
CA THR A 350 7.98 -8.69 -29.49
C THR A 350 9.07 -7.71 -29.09
N ASP A 351 8.85 -6.39 -29.23
CA ASP A 351 9.87 -5.37 -28.91
C ASP A 351 10.48 -5.28 -27.49
N HIS A 352 11.67 -5.88 -27.39
CA HIS A 352 12.49 -5.89 -26.17
C HIS A 352 12.92 -4.47 -25.81
N THR A 353 13.38 -3.71 -26.82
CA THR A 353 13.84 -2.33 -26.71
C THR A 353 12.73 -1.40 -26.23
N LEU A 354 11.47 -1.63 -26.66
CA LEU A 354 10.34 -0.81 -26.22
C LEU A 354 10.08 -0.96 -24.73
N GLY A 355 10.13 -2.20 -24.24
CA GLY A 355 9.95 -2.54 -22.84
C GLY A 355 11.04 -1.91 -22.00
N ARG A 356 12.30 -1.99 -22.49
CA ARG A 356 13.50 -1.41 -21.87
C ARG A 356 13.33 0.11 -21.64
N ILE A 357 12.81 0.80 -22.69
CA ILE A 357 12.59 2.25 -22.64
C ILE A 357 11.52 2.59 -21.62
N ILE A 358 10.40 1.83 -21.61
CA ILE A 358 9.32 2.04 -20.65
C ILE A 358 9.84 1.81 -19.23
N LEU A 359 10.51 0.67 -19.01
CA LEU A 359 11.05 0.27 -17.71
C LEU A 359 11.95 1.34 -17.08
N ASN A 360 12.89 1.88 -17.87
CA ASN A 360 13.83 2.93 -17.45
C ASN A 360 13.10 4.24 -17.20
N ALA A 361 12.08 4.55 -18.04
CA ALA A 361 11.28 5.77 -17.91
C ALA A 361 10.45 5.80 -16.61
N MET A 362 9.98 4.63 -16.12
CA MET A 362 9.24 4.50 -14.86
C MET A 362 10.18 4.53 -13.65
N ASN A 363 11.43 4.04 -13.84
CA ASN A 363 12.44 4.06 -12.79
C ASN A 363 12.88 5.50 -12.47
N GLU A 364 12.65 6.45 -13.42
CA GLU A 364 12.98 7.87 -13.30
C GLU A 364 11.85 8.67 -12.64
N THR A 365 10.71 8.01 -12.29
CA THR A 365 9.57 8.68 -11.65
C THR A 365 9.98 9.41 -10.36
N ASN A 366 9.72 10.71 -10.34
CA ASN A 366 9.93 11.60 -9.21
C ASN A 366 9.04 12.83 -9.37
N PHE A 367 7.84 12.77 -8.83
CA PHE A 367 6.90 13.90 -8.88
C PHE A 367 6.06 13.97 -7.62
N PHE A 368 5.32 15.06 -7.47
CA PHE A 368 4.45 15.21 -6.31
C PHE A 368 3.02 14.78 -6.66
N GLY A 369 2.58 13.72 -6.01
CA GLY A 369 1.23 13.17 -6.18
C GLY A 369 0.33 13.46 -5.00
N VAL A 370 -0.93 13.03 -5.10
CA VAL A 370 -1.95 13.20 -4.06
C VAL A 370 -1.56 12.42 -2.76
N THR A 371 -0.77 11.33 -2.92
CA THR A 371 -0.25 10.47 -1.87
C THR A 371 1.18 10.91 -1.45
N GLY A 372 1.59 12.11 -1.87
CA GLY A 372 2.88 12.71 -1.57
C GLY A 372 3.88 12.56 -2.68
N GLN A 373 5.17 12.64 -2.35
CA GLN A 373 6.26 12.48 -3.31
C GLN A 373 6.30 11.04 -3.88
N VAL A 374 6.01 10.90 -5.17
CA VAL A 374 5.99 9.61 -5.85
C VAL A 374 7.41 9.25 -6.31
N VAL A 375 8.08 8.36 -5.57
CA VAL A 375 9.43 7.89 -5.87
C VAL A 375 9.50 6.37 -5.65
N PHE A 376 10.18 5.65 -6.55
CA PHE A 376 10.41 4.21 -6.43
C PHE A 376 11.86 3.96 -6.07
N ARG A 377 12.11 2.83 -5.41
CA ARG A 377 13.44 2.36 -5.05
C ARG A 377 13.40 0.87 -5.33
N ASN A 378 13.87 0.51 -6.54
CA ASN A 378 13.86 -0.85 -7.07
C ASN A 378 12.42 -1.37 -7.21
N GLY A 379 11.57 -0.55 -7.83
CA GLY A 379 10.15 -0.85 -8.06
C GLY A 379 9.24 -0.74 -6.85
N GLU A 380 9.81 -0.35 -5.68
CA GLU A 380 9.08 -0.21 -4.42
C GLU A 380 8.83 1.27 -4.15
N ARG A 381 7.68 1.59 -3.57
CA ARG A 381 7.33 2.97 -3.28
C ARG A 381 7.98 3.54 -2.02
N MET A 382 8.50 4.77 -2.12
CA MET A 382 9.04 5.51 -1.00
C MET A 382 7.90 6.44 -0.60
N GLY A 383 7.11 5.99 0.36
CA GLY A 383 5.91 6.72 0.78
C GLY A 383 5.89 7.17 2.21
N THR A 384 4.69 7.50 2.69
CA THR A 384 4.52 7.97 4.07
C THR A 384 3.70 6.97 4.88
N ILE A 385 4.00 6.85 6.19
CA ILE A 385 3.33 5.95 7.12
C ILE A 385 2.58 6.73 8.22
N LYS A 386 1.31 6.36 8.45
CA LYS A 386 0.44 7.00 9.43
C LYS A 386 0.39 6.28 10.78
N PHE A 387 0.55 7.04 11.89
CA PHE A 387 0.46 6.55 13.26
C PHE A 387 -0.83 7.07 13.90
N THR A 388 -1.60 6.14 14.50
CA THR A 388 -2.87 6.41 15.19
C THR A 388 -2.86 5.88 16.63
N GLN A 389 -3.78 6.36 17.45
CA GLN A 389 -3.91 5.89 18.82
C GLN A 389 -5.36 5.74 19.18
N PHE A 390 -5.69 4.64 19.86
CA PHE A 390 -7.05 4.37 20.34
C PHE A 390 -7.31 5.11 21.65
N GLN A 391 -8.14 6.16 21.57
CA GLN A 391 -8.46 6.98 22.73
C GLN A 391 -9.95 6.91 22.94
N ASP A 392 -10.35 6.29 24.06
CA ASP A 392 -11.73 6.10 24.53
C ASP A 392 -12.65 5.29 23.62
N SER A 393 -13.02 5.86 22.45
CA SER A 393 -13.98 5.26 21.53
C SER A 393 -13.55 5.14 20.06
N ARG A 394 -12.40 5.72 19.69
CA ARG A 394 -11.97 5.70 18.30
C ARG A 394 -10.48 5.87 18.18
N GLU A 395 -9.93 5.52 17.02
CA GLU A 395 -8.51 5.72 16.71
C GLU A 395 -8.33 7.19 16.28
N VAL A 396 -7.26 7.83 16.75
CA VAL A 396 -6.94 9.23 16.47
C VAL A 396 -5.54 9.31 15.89
N LYS A 397 -5.35 10.09 14.80
CA LYS A 397 -4.06 10.28 14.14
C LYS A 397 -3.05 11.01 15.05
N VAL A 398 -1.95 10.32 15.39
CA VAL A 398 -0.91 10.80 16.29
C VAL A 398 0.46 11.04 15.66
N GLY A 399 0.53 10.98 14.34
CA GLY A 399 1.79 11.23 13.67
C GLY A 399 1.96 10.59 12.32
N GLU A 400 3.07 10.94 11.65
CA GLU A 400 3.41 10.42 10.34
C GLU A 400 4.91 10.26 10.04
N TYR A 401 5.24 9.19 9.29
CA TYR A 401 6.60 8.84 8.93
C TYR A 401 6.85 8.98 7.42
N ASN A 402 7.85 9.81 7.08
CA ASN A 402 8.26 10.03 5.71
C ASN A 402 9.41 9.08 5.37
N ALA A 403 9.16 8.15 4.44
CA ALA A 403 10.18 7.18 4.00
C ALA A 403 11.37 7.79 3.27
N VAL A 404 11.14 8.74 2.35
CA VAL A 404 12.18 9.44 1.56
C VAL A 404 13.18 10.14 2.48
N ALA A 405 12.69 10.93 3.43
CA ALA A 405 13.51 11.70 4.37
C ALA A 405 13.91 10.93 5.62
N ASP A 406 13.24 9.78 5.92
CA ASP A 406 13.42 9.00 7.16
C ASP A 406 13.07 9.89 8.38
N THR A 407 11.96 10.64 8.24
CA THR A 407 11.47 11.59 9.22
C THR A 407 10.23 11.15 9.98
N LEU A 408 10.30 11.22 11.32
CA LEU A 408 9.14 10.96 12.18
C LEU A 408 8.64 12.27 12.72
N GLU A 409 7.33 12.52 12.55
CA GLU A 409 6.69 13.70 13.10
C GLU A 409 5.47 13.31 13.90
N ILE A 410 5.57 13.40 15.24
CA ILE A 410 4.48 13.10 16.17
C ILE A 410 3.69 14.36 16.43
N ILE A 411 2.35 14.28 16.26
CA ILE A 411 1.47 15.40 16.54
C ILE A 411 1.49 15.56 18.06
N ASN A 412 2.02 16.69 18.56
CA ASN A 412 2.10 16.92 19.99
C ASN A 412 0.74 17.34 20.46
N ASP A 413 0.37 16.95 21.71
CA ASP A 413 -0.93 17.22 22.33
C ASP A 413 -2.08 16.29 21.83
N THR A 414 -1.72 15.12 21.27
CA THR A 414 -2.64 14.11 20.75
C THR A 414 -2.28 12.75 21.35
N ILE A 415 -1.04 12.26 21.13
CA ILE A 415 -0.58 11.01 21.73
C ILE A 415 -0.54 11.20 23.25
N ARG A 416 -1.18 10.30 23.98
CA ARG A 416 -1.25 10.39 25.44
C ARG A 416 -0.96 9.04 26.08
N PHE A 417 -0.56 9.08 27.34
CA PHE A 417 -0.27 7.86 28.07
C PHE A 417 -1.07 7.82 29.33
N GLN A 418 -1.36 6.59 29.83
CA GLN A 418 -2.13 6.32 31.05
C GLN A 418 -1.50 6.89 32.32
N GLY A 419 -0.17 6.88 32.38
CA GLY A 419 0.58 7.45 33.49
C GLY A 419 0.95 8.88 33.18
N SER A 420 1.72 9.53 34.05
CA SER A 420 2.18 10.90 33.81
C SER A 420 3.19 10.95 32.66
N GLU A 421 3.74 9.79 32.27
CA GLU A 421 4.76 9.70 31.22
C GLU A 421 4.69 8.38 30.44
N PRO A 422 5.40 8.26 29.26
CA PRO A 422 5.40 7.00 28.51
C PRO A 422 5.96 5.81 29.31
N PRO A 423 5.43 4.58 29.13
CA PRO A 423 5.95 3.42 29.87
C PRO A 423 7.40 3.11 29.52
N LYS A 424 8.11 2.50 30.47
CA LYS A 424 9.51 2.15 30.32
C LYS A 424 9.60 0.73 29.77
N ASP A 425 10.61 0.44 28.92
CA ASP A 425 10.78 -0.86 28.28
C ASP A 425 11.02 -2.05 29.24
#